data_4U6X
#
_entry.id   4U6X
#
_cell.length_a   51.043
_cell.length_b   79.063
_cell.length_c   54.903
_cell.angle_alpha   90.00
_cell.angle_beta   111.11
_cell.angle_gamma   90.00
#
_symmetry.space_group_name_H-M   'P 1 21 1'
#
loop_
_entity.id
_entity.type
_entity.pdbx_description
1 polymer 'HLA class I histocompatibility antigen, A-2 alpha chain'
2 polymer Beta-2-microglobulin
3 polymer 'ALQDA peptide, ALQDAGDSSRKEYFI'
4 non-polymer 'CHLORIDE ION'
5 non-polymer DI(HYDROXYETHYL)ETHER
6 non-polymer 'MAGNESIUM ION'
7 water water
#
loop_
_entity_poly.entity_id
_entity_poly.type
_entity_poly.pdbx_seq_one_letter_code
_entity_poly.pdbx_strand_id
1 'polypeptide(L)'
;GSHSMRYFFTSVSRPGRGEPRFIAVGYVDDTQFVRFDSDAASQRMEPRAPWIEQEGPEYWDGETRKVKAHSQTHRVDLGT
LRGYYNQSEAGSHTVQRMYGCDVGSDWRFLRGYHQYAYDGKDYIALKEDLRSWTAADMAAQTTKHKWEAAHVAEQLRAYL
EGTCVEWLRRYLENGKETLQRTDAPKTHMTHHAVSDHEATLRCWALSFYPAEITLTWQRDGEDQTQDTELVETRPAGDGT
FQKWAAVVVPSGQEQRYTCHVQHEGLPKPLTLRWEP
;
A
2 'polypeptide(L)'
;MIQRTPKIQVYSRHPAENGKSNFLNCYVSGFHPSDIEVDLLKNGERIEKVEHSDLSFSKDWSFYLLYYTEFTPTEKDEYA
CRVNHVTLSQPKIVKWDRDM
;
B
3 'polypeptide(L)' ALQDAGDSSRKEYFI P
#
loop_
_chem_comp.id
_chem_comp.type
_chem_comp.name
_chem_comp.formula
CL non-polymer 'CHLORIDE ION' 'Cl -1'
MG non-polymer 'MAGNESIUM ION' 'Mg 2'
PEG non-polymer DI(HYDROXYETHYL)ETHER 'C4 H10 O3'
#
# COMPACT_ATOMS: atom_id res chain seq x y z
N GLY A 1 11.34 -4.12 17.65
CA GLY A 1 11.38 -3.20 16.52
C GLY A 1 10.43 -2.05 16.77
N SER A 2 10.51 -1.04 15.91
CA SER A 2 9.62 0.09 16.01
C SER A 2 8.29 -0.30 15.37
N HIS A 3 7.25 0.49 15.66
CA HIS A 3 5.94 0.25 15.06
C HIS A 3 5.42 1.59 14.62
N SER A 4 4.51 1.58 13.66
N SER A 4 4.50 1.57 13.66
CA SER A 4 3.97 2.83 13.15
CA SER A 4 3.96 2.80 13.10
C SER A 4 2.45 2.81 13.09
C SER A 4 2.44 2.79 13.11
N MET A 5 1.86 3.99 13.22
CA MET A 5 0.44 4.16 12.91
C MET A 5 0.37 5.21 11.83
N ARG A 6 -0.38 4.95 10.77
CA ARG A 6 -0.45 5.89 9.65
C ARG A 6 -1.87 6.00 9.18
N TYR A 7 -2.28 7.21 8.86
CA TYR A 7 -3.55 7.39 8.21
C TYR A 7 -3.29 7.98 6.83
N PHE A 8 -3.99 7.43 5.84
CA PHE A 8 -3.86 7.87 4.45
C PHE A 8 -5.21 8.39 3.95
N PHE A 9 -5.22 9.61 3.41
CA PHE A 9 -6.48 10.20 2.94
C PHE A 9 -6.38 10.59 1.49
N THR A 10 -7.41 10.27 0.71
CA THR A 10 -7.44 10.67 -0.70
C THR A 10 -8.77 11.33 -0.98
N SER A 11 -8.72 12.54 -1.51
N SER A 11 -8.71 12.53 -1.53
CA SER A 11 -9.94 13.24 -1.89
CA SER A 11 -9.91 13.29 -1.89
C SER A 11 -9.83 13.62 -3.36
C SER A 11 -9.83 13.64 -3.36
N VAL A 12 -10.84 13.25 -4.13
CA VAL A 12 -10.83 13.48 -5.57
C VAL A 12 -12.05 14.27 -5.99
N SER A 13 -11.84 15.46 -6.55
CA SER A 13 -12.97 16.30 -6.93
C SER A 13 -13.77 15.68 -8.06
N ARG A 14 -15.06 16.00 -8.10
N ARG A 14 -15.07 15.99 -8.09
CA ARG A 14 -15.95 15.48 -9.12
CA ARG A 14 -15.96 15.49 -9.13
C ARG A 14 -16.67 16.65 -9.77
C ARG A 14 -16.67 16.66 -9.76
N PRO A 15 -16.02 17.25 -10.78
CA PRO A 15 -16.50 18.48 -11.43
C PRO A 15 -17.90 18.36 -12.03
N GLY A 16 -18.30 17.16 -12.41
CA GLY A 16 -19.60 16.98 -13.06
C GLY A 16 -20.79 17.08 -12.10
N ARG A 17 -20.61 16.59 -10.88
CA ARG A 17 -21.68 16.67 -9.89
C ARG A 17 -21.21 16.22 -8.52
N GLY A 18 -21.58 17.00 -7.50
CA GLY A 18 -21.44 16.51 -6.13
C GLY A 18 -20.12 16.80 -5.43
N GLU A 19 -19.98 16.23 -4.24
CA GLU A 19 -18.80 16.41 -3.38
C GLU A 19 -17.68 15.51 -3.82
N PRO A 20 -16.45 15.82 -3.38
CA PRO A 20 -15.34 14.93 -3.75
C PRO A 20 -15.53 13.49 -3.23
N ARG A 21 -14.92 12.55 -3.92
CA ARG A 21 -14.84 11.18 -3.44
C ARG A 21 -13.72 11.18 -2.39
N PHE A 22 -14.00 10.67 -1.20
CA PHE A 22 -13.03 10.69 -0.10
C PHE A 22 -12.87 9.29 0.50
N ILE A 23 -11.63 8.79 0.52
CA ILE A 23 -11.33 7.48 1.10
C ILE A 23 -10.24 7.67 2.14
N ALA A 24 -10.50 7.20 3.37
CA ALA A 24 -9.49 7.26 4.43
C ALA A 24 -9.19 5.84 4.88
N VAL A 25 -7.92 5.53 5.08
N VAL A 25 -7.91 5.56 5.11
CA VAL A 25 -7.55 4.22 5.61
CA VAL A 25 -7.52 4.24 5.58
C VAL A 25 -6.54 4.38 6.71
C VAL A 25 -6.51 4.37 6.71
N GLY A 26 -6.65 3.54 7.73
CA GLY A 26 -5.70 3.55 8.82
C GLY A 26 -4.92 2.24 8.86
N TYR A 27 -3.62 2.35 9.15
CA TYR A 27 -2.74 1.21 9.24
C TYR A 27 -1.97 1.23 10.54
N VAL A 28 -1.76 0.04 11.12
CA VAL A 28 -0.70 -0.12 12.12
C VAL A 28 0.34 -1.01 11.42
N ASP A 29 1.57 -0.50 11.28
CA ASP A 29 2.56 -1.18 10.47
C ASP A 29 1.96 -1.51 9.09
N ASP A 30 2.04 -2.76 8.68
CA ASP A 30 1.52 -3.14 7.36
C ASP A 30 0.10 -3.72 7.41
N THR A 31 -0.60 -3.48 8.51
CA THR A 31 -1.96 -4.00 8.69
C THR A 31 -3.02 -2.90 8.63
N GLN A 32 -3.93 -2.95 7.65
CA GLN A 32 -5.03 -2.00 7.66
C GLN A 32 -5.99 -2.29 8.82
N PHE A 33 -6.45 -1.27 9.52
CA PHE A 33 -7.38 -1.53 10.63
C PHE A 33 -8.70 -0.77 10.56
N VAL A 34 -8.74 0.36 9.86
CA VAL A 34 -10.01 1.07 9.68
C VAL A 34 -10.11 1.62 8.26
N ARG A 35 -11.33 1.98 7.87
N ARG A 35 -11.33 1.94 7.86
CA ARG A 35 -11.54 2.60 6.58
CA ARG A 35 -11.56 2.59 6.57
C ARG A 35 -12.81 3.46 6.60
C ARG A 35 -12.80 3.47 6.61
N PHE A 36 -12.80 4.52 5.80
CA PHE A 36 -14.00 5.29 5.55
C PHE A 36 -14.05 5.52 4.04
N ASP A 37 -15.21 5.27 3.43
CA ASP A 37 -15.38 5.57 2.01
C ASP A 37 -16.64 6.40 1.84
N SER A 38 -16.51 7.60 1.29
CA SER A 38 -17.65 8.50 1.17
C SER A 38 -18.76 7.92 0.30
N ASP A 39 -18.41 6.98 -0.58
CA ASP A 39 -19.41 6.40 -1.47
C ASP A 39 -20.09 5.16 -0.89
N ALA A 40 -19.72 4.79 0.33
CA ALA A 40 -20.36 3.65 1.01
C ALA A 40 -21.61 4.13 1.74
N ALA A 41 -22.58 3.24 1.92
CA ALA A 41 -23.87 3.64 2.51
C ALA A 41 -23.80 3.91 4.01
N SER A 42 -22.90 3.24 4.72
CA SER A 42 -22.89 3.36 6.18
C SER A 42 -22.57 4.77 6.66
N GLN A 43 -21.71 5.49 5.91
CA GLN A 43 -21.21 6.80 6.35
C GLN A 43 -20.57 6.71 7.74
N ARG A 44 -19.93 5.58 8.02
CA ARG A 44 -19.25 5.40 9.29
C ARG A 44 -17.82 4.95 9.05
N MET A 45 -16.92 5.31 9.96
CA MET A 45 -15.65 4.58 10.03
C MET A 45 -15.95 3.13 10.33
N GLU A 46 -15.29 2.23 9.61
N GLU A 46 -15.32 2.22 9.59
CA GLU A 46 -15.56 0.80 9.71
CA GLU A 46 -15.55 0.79 9.72
C GLU A 46 -14.30 0.00 10.05
C GLU A 46 -14.28 0.05 10.12
N PRO A 47 -14.43 -1.03 10.90
CA PRO A 47 -13.29 -1.87 11.27
C PRO A 47 -12.81 -2.74 10.13
N ARG A 48 -11.50 -2.96 10.03
CA ARG A 48 -10.96 -3.87 9.02
C ARG A 48 -9.97 -4.85 9.66
N ALA A 49 -9.89 -4.85 10.98
CA ALA A 49 -9.12 -5.85 11.71
C ALA A 49 -9.88 -6.28 12.96
N PRO A 50 -9.75 -7.55 13.36
CA PRO A 50 -10.53 -8.00 14.52
C PRO A 50 -10.21 -7.22 15.80
N TRP A 51 -8.95 -6.89 16.03
CA TRP A 51 -8.57 -6.27 17.30
C TRP A 51 -9.11 -4.85 17.51
N ILE A 52 -9.50 -4.17 16.43
CA ILE A 52 -10.10 -2.85 16.61
C ILE A 52 -11.56 -2.99 16.99
N GLU A 53 -12.15 -4.16 16.74
CA GLU A 53 -13.56 -4.35 17.13
C GLU A 53 -13.72 -4.49 18.63
N GLN A 54 -12.59 -4.57 19.34
CA GLN A 54 -12.62 -4.48 20.79
C GLN A 54 -13.09 -3.10 21.26
N GLU A 55 -13.04 -2.11 20.36
CA GLU A 55 -13.40 -0.75 20.75
C GLU A 55 -14.92 -0.58 20.82
N GLY A 56 -15.39 0.16 21.81
CA GLY A 56 -16.82 0.36 22.02
C GLY A 56 -17.46 1.40 21.11
N PRO A 57 -18.78 1.61 21.25
CA PRO A 57 -19.51 2.52 20.38
C PRO A 57 -18.92 3.91 20.38
N GLU A 58 -18.38 4.34 21.52
CA GLU A 58 -17.85 5.69 21.61
C GLU A 58 -16.69 5.88 20.64
N TYR A 59 -15.92 4.81 20.43
CA TYR A 59 -14.79 4.90 19.53
C TYR A 59 -15.31 5.13 18.11
N TRP A 60 -16.29 4.33 17.69
CA TRP A 60 -16.76 4.41 16.31
C TRP A 60 -17.50 5.72 16.04
N ASP A 61 -18.26 6.21 17.01
CA ASP A 61 -18.89 7.52 16.86
C ASP A 61 -17.83 8.60 16.74
N GLY A 62 -16.80 8.52 17.57
CA GLY A 62 -15.75 9.53 17.61
C GLY A 62 -14.95 9.52 16.33
N GLU A 63 -14.56 8.33 15.88
CA GLU A 63 -13.78 8.25 14.64
C GLU A 63 -14.61 8.64 13.42
N THR A 64 -15.91 8.34 13.45
CA THR A 64 -16.77 8.76 12.35
C THR A 64 -16.88 10.29 12.29
N ARG A 65 -17.10 10.92 13.45
CA ARG A 65 -17.15 12.38 13.50
C ARG A 65 -15.87 12.98 12.94
N LYS A 66 -14.73 12.50 13.40
CA LYS A 66 -13.44 13.07 12.97
C LYS A 66 -13.18 12.82 11.49
N VAL A 67 -13.55 11.65 11.00
CA VAL A 67 -13.21 11.34 9.62
C VAL A 67 -14.09 12.16 8.66
N LYS A 68 -15.34 12.40 9.05
N LYS A 68 -15.34 12.39 9.06
CA LYS A 68 -16.20 13.25 8.24
CA LYS A 68 -16.20 13.23 8.23
C LYS A 68 -15.66 14.68 8.25
C LYS A 68 -15.72 14.69 8.27
N ALA A 69 -15.17 15.11 9.41
CA ALA A 69 -14.56 16.44 9.51
C ALA A 69 -13.33 16.53 8.60
N HIS A 70 -12.50 15.49 8.58
CA HIS A 70 -11.36 15.45 7.65
C HIS A 70 -11.87 15.54 6.21
N SER A 71 -12.99 14.87 5.89
N SER A 71 -12.98 14.85 5.94
CA SER A 71 -13.45 14.90 4.49
CA SER A 71 -13.55 14.84 4.59
C SER A 71 -13.84 16.32 4.06
C SER A 71 -13.82 16.28 4.12
N GLN A 72 -14.47 17.05 4.96
CA GLN A 72 -14.85 18.42 4.63
C GLN A 72 -13.64 19.32 4.50
N THR A 73 -12.64 19.11 5.36
CA THR A 73 -11.40 19.89 5.26
C THR A 73 -10.72 19.68 3.91
N HIS A 74 -10.65 18.43 3.45
CA HIS A 74 -10.08 18.14 2.14
C HIS A 74 -10.92 18.76 1.01
N ARG A 75 -12.25 18.81 1.18
CA ARG A 75 -13.09 19.44 0.16
C ARG A 75 -12.73 20.92 0.07
N VAL A 76 -12.61 21.57 1.22
CA VAL A 76 -12.17 22.98 1.24
C VAL A 76 -10.81 23.11 0.57
N ASP A 77 -9.89 22.24 0.94
CA ASP A 77 -8.53 22.26 0.37
C ASP A 77 -8.50 22.12 -1.15
N LEU A 78 -9.30 21.22 -1.72
CA LEU A 78 -9.41 21.09 -3.17
C LEU A 78 -9.82 22.41 -3.82
N GLY A 79 -10.77 23.12 -3.20
CA GLY A 79 -11.19 24.40 -3.74
C GLY A 79 -10.08 25.43 -3.69
N THR A 80 -9.37 25.46 -2.57
CA THR A 80 -8.31 26.43 -2.37
C THR A 80 -7.18 26.18 -3.37
N LEU A 81 -6.85 24.91 -3.57
CA LEU A 81 -5.75 24.54 -4.44
C LEU A 81 -6.06 24.85 -5.91
N ARG A 82 -7.32 24.68 -6.31
CA ARG A 82 -7.69 25.04 -7.68
C ARG A 82 -7.38 26.51 -7.87
N GLY A 83 -7.62 27.29 -6.82
CA GLY A 83 -7.34 28.73 -6.84
C GLY A 83 -5.85 29.01 -6.92
N TYR A 84 -5.08 28.38 -6.04
CA TYR A 84 -3.63 28.59 -6.03
C TYR A 84 -3.00 28.28 -7.37
N TYR A 85 -3.49 27.24 -8.04
CA TYR A 85 -2.86 26.80 -9.28
C TYR A 85 -3.59 27.31 -10.51
N ASN A 86 -4.49 28.25 -10.28
CA ASN A 86 -5.22 28.88 -11.38
C ASN A 86 -5.83 27.85 -12.32
N GLN A 87 -6.53 26.88 -11.77
CA GLN A 87 -7.14 25.85 -12.59
C GLN A 87 -8.62 26.06 -12.76
N SER A 88 -9.17 25.54 -13.85
CA SER A 88 -10.60 25.70 -14.12
C SER A 88 -11.42 24.77 -13.24
N GLU A 89 -12.72 25.02 -13.17
CA GLU A 89 -13.59 24.15 -12.39
C GLU A 89 -13.90 22.85 -13.12
N ALA A 90 -13.41 22.72 -14.35
CA ALA A 90 -13.83 21.61 -15.20
C ALA A 90 -13.07 20.32 -14.96
N GLY A 91 -11.87 20.40 -14.39
CA GLY A 91 -11.06 19.20 -14.26
C GLY A 91 -11.19 18.54 -12.89
N SER A 92 -10.92 17.23 -12.83
CA SER A 92 -10.82 16.54 -11.53
C SER A 92 -9.40 16.63 -11.00
N HIS A 93 -9.28 16.87 -9.71
CA HIS A 93 -7.96 16.99 -9.07
C HIS A 93 -7.97 16.20 -7.77
N THR A 94 -6.77 15.95 -7.25
CA THR A 94 -6.61 15.01 -6.13
C THR A 94 -5.80 15.63 -5.02
N VAL A 95 -6.29 15.58 -3.79
N VAL A 95 -6.30 15.56 -3.80
CA VAL A 95 -5.46 15.91 -2.65
CA VAL A 95 -5.48 15.90 -2.63
C VAL A 95 -5.21 14.63 -1.85
C VAL A 95 -5.21 14.62 -1.89
N GLN A 96 -3.95 14.41 -1.49
CA GLN A 96 -3.63 13.26 -0.63
C GLN A 96 -2.96 13.79 0.62
N ARG A 97 -3.28 13.18 1.76
N ARG A 97 -3.21 13.12 1.73
CA ARG A 97 -2.62 13.51 3.02
CA ARG A 97 -2.64 13.53 2.99
C ARG A 97 -2.21 12.22 3.72
C ARG A 97 -2.31 12.26 3.75
N MET A 98 -1.06 12.23 4.39
N MET A 98 -1.19 12.29 4.47
CA MET A 98 -0.67 11.10 5.24
CA MET A 98 -0.80 11.16 5.27
C MET A 98 -0.13 11.66 6.53
C MET A 98 -0.22 11.72 6.54
N TYR A 99 -0.54 11.09 7.66
CA TYR A 99 0.07 11.48 8.91
C TYR A 99 0.13 10.32 9.86
N GLY A 100 1.01 10.43 10.85
CA GLY A 100 1.09 9.35 11.82
C GLY A 100 2.36 9.42 12.64
N CYS A 101 2.57 8.39 13.44
CA CYS A 101 3.68 8.39 14.38
C CYS A 101 4.30 7.02 14.45
N ASP A 102 5.56 6.99 14.86
CA ASP A 102 6.25 5.72 15.11
C ASP A 102 6.60 5.68 16.59
N VAL A 103 6.49 4.50 17.20
CA VAL A 103 7.12 4.28 18.50
C VAL A 103 8.31 3.37 18.28
N GLY A 104 9.35 3.55 19.10
CA GLY A 104 10.53 2.74 18.97
C GLY A 104 10.39 1.46 19.76
N SER A 105 11.44 0.64 19.73
CA SER A 105 11.48 -0.56 20.54
C SER A 105 11.33 -0.25 22.02
N ASP A 106 11.59 1.00 22.40
CA ASP A 106 11.48 1.41 23.79
C ASP A 106 10.05 1.79 24.18
N TRP A 107 9.14 1.67 23.22
CA TRP A 107 7.72 1.95 23.46
C TRP A 107 7.46 3.47 23.56
N ARG A 108 8.47 4.28 23.23
CA ARG A 108 8.32 5.74 23.30
C ARG A 108 8.22 6.36 21.92
N PHE A 109 7.70 7.58 21.86
CA PHE A 109 7.67 8.31 20.59
C PHE A 109 9.03 8.26 19.90
N LEU A 110 9.03 7.93 18.61
CA LEU A 110 10.26 7.90 17.83
C LEU A 110 10.26 8.97 16.75
N ARG A 111 9.16 9.07 15.99
CA ARG A 111 9.09 10.12 14.97
C ARG A 111 7.66 10.37 14.54
N GLY A 112 7.43 11.50 13.89
CA GLY A 112 6.09 11.86 13.44
C GLY A 112 6.16 12.38 12.01
N TYR A 113 5.02 12.31 11.31
CA TYR A 113 4.93 12.80 9.94
C TYR A 113 3.56 13.41 9.72
N HIS A 114 3.52 14.38 8.82
CA HIS A 114 2.26 14.98 8.41
C HIS A 114 2.54 15.67 7.09
N GLN A 115 2.02 15.11 5.99
N GLN A 115 2.06 15.10 5.98
CA GLN A 115 2.34 15.66 4.68
CA GLN A 115 2.32 15.71 4.69
C GLN A 115 1.22 15.55 3.66
C GLN A 115 1.19 15.60 3.68
N TYR A 116 1.28 16.43 2.66
CA TYR A 116 0.24 16.55 1.64
C TYR A 116 0.83 16.51 0.25
N ALA A 117 0.03 16.00 -0.67
CA ALA A 117 0.34 16.07 -2.10
C ALA A 117 -0.85 16.66 -2.84
N TYR A 118 -0.60 17.35 -3.94
CA TYR A 118 -1.68 17.77 -4.82
C TYR A 118 -1.37 17.29 -6.22
N ASP A 119 -2.36 16.63 -6.84
CA ASP A 119 -2.21 16.04 -8.16
C ASP A 119 -0.98 15.15 -8.27
N GLY A 120 -0.72 14.38 -7.23
CA GLY A 120 0.35 13.41 -7.27
C GLY A 120 1.76 13.93 -6.96
N LYS A 121 1.87 15.22 -6.61
CA LYS A 121 3.18 15.80 -6.33
C LYS A 121 3.25 16.37 -4.92
N ASP A 122 4.43 16.28 -4.30
CA ASP A 122 4.63 16.89 -2.98
C ASP A 122 4.07 18.31 -2.96
N TYR A 123 3.38 18.65 -1.88
CA TYR A 123 2.91 20.02 -1.69
C TYR A 123 3.58 20.62 -0.45
N ILE A 124 3.25 20.09 0.73
CA ILE A 124 3.86 20.59 1.97
C ILE A 124 3.99 19.43 2.93
N ALA A 125 5.06 19.45 3.74
CA ALA A 125 5.31 18.37 4.69
C ALA A 125 5.89 18.94 5.96
N LEU A 126 5.46 18.40 7.10
CA LEU A 126 6.09 18.72 8.36
C LEU A 126 7.48 18.08 8.40
N LYS A 127 8.49 18.85 8.80
N LYS A 127 8.49 18.85 8.80
CA LYS A 127 9.84 18.31 8.87
CA LYS A 127 9.85 18.33 8.88
C LYS A 127 10.04 17.38 10.08
C LYS A 127 10.04 17.40 10.08
N GLU A 128 11.13 16.62 10.06
CA GLU A 128 11.42 15.66 11.11
C GLU A 128 11.36 16.26 12.52
N ASP A 129 11.83 17.50 12.67
CA ASP A 129 11.77 18.19 13.97
C ASP A 129 10.37 18.56 14.45
N LEU A 130 9.36 18.37 13.60
CA LEU A 130 7.97 18.71 13.95
C LEU A 130 7.76 20.18 14.33
N ARG A 131 8.64 21.06 13.86
CA ARG A 131 8.53 22.47 14.23
C ARG A 131 8.46 23.38 13.01
N SER A 132 8.74 22.81 11.84
CA SER A 132 8.84 23.60 10.62
C SER A 132 8.37 22.80 9.41
N TRP A 133 8.24 23.51 8.28
CA TRP A 133 7.62 22.96 7.09
C TRP A 133 8.50 22.99 5.85
N THR A 134 8.35 21.97 5.02
CA THR A 134 8.95 21.93 3.69
C THR A 134 7.88 22.22 2.64
N ALA A 135 7.98 23.36 1.96
CA ALA A 135 7.03 23.71 0.90
C ALA A 135 7.67 23.41 -0.44
N ALA A 136 6.98 22.67 -1.30
CA ALA A 136 7.61 22.21 -2.52
C ALA A 136 7.66 23.28 -3.62
N ASP A 137 6.72 24.22 -3.58
CA ASP A 137 6.66 25.25 -4.61
C ASP A 137 6.12 26.54 -4.02
N MET A 138 5.89 27.55 -4.86
CA MET A 138 5.48 28.85 -4.32
C MET A 138 4.05 28.85 -3.81
N ALA A 139 3.21 28.00 -4.39
CA ALA A 139 1.84 27.91 -3.88
C ALA A 139 1.91 27.42 -2.44
N ALA A 140 2.75 26.43 -2.20
CA ALA A 140 2.87 25.86 -0.86
C ALA A 140 3.46 26.87 0.12
N GLN A 141 4.20 27.88 -0.38
CA GLN A 141 4.69 28.95 0.51
C GLN A 141 3.56 29.67 1.22
N THR A 142 2.42 29.85 0.53
CA THR A 142 1.26 30.50 1.12
C THR A 142 0.79 29.69 2.33
N THR A 143 0.67 28.38 2.14
CA THR A 143 0.26 27.50 3.23
C THR A 143 1.26 27.52 4.37
N LYS A 144 2.54 27.40 4.03
CA LYS A 144 3.60 27.38 5.03
C LYS A 144 3.57 28.64 5.90
N HIS A 145 3.47 29.80 5.28
CA HIS A 145 3.52 31.03 6.06
C HIS A 145 2.29 31.20 6.94
N LYS A 146 1.13 30.78 6.42
CA LYS A 146 -0.10 30.82 7.20
C LYS A 146 -0.03 29.87 8.40
N TRP A 147 0.47 28.66 8.18
CA TRP A 147 0.58 27.67 9.26
C TRP A 147 1.65 28.04 10.29
N GLU A 148 2.69 28.72 9.85
CA GLU A 148 3.70 29.20 10.79
C GLU A 148 3.10 30.27 11.69
N ALA A 149 2.33 31.17 11.09
CA ALA A 149 1.72 32.27 11.84
C ALA A 149 0.70 31.74 12.84
N ALA A 150 0.03 30.66 12.50
CA ALA A 150 -0.99 30.09 13.37
C ALA A 150 -0.41 29.01 14.29
N HIS A 151 0.89 28.79 14.23
CA HIS A 151 1.56 27.78 15.06
C HIS A 151 0.92 26.39 14.95
N VAL A 152 0.53 26.02 13.73
CA VAL A 152 -0.02 24.69 13.46
C VAL A 152 0.91 23.57 13.89
N ALA A 153 2.19 23.69 13.58
CA ALA A 153 3.15 22.63 13.90
C ALA A 153 3.13 22.25 15.37
N GLU A 154 2.92 23.24 16.21
N GLU A 154 2.93 23.24 16.24
CA GLU A 154 2.89 23.02 17.65
CA GLU A 154 2.89 22.94 17.67
C GLU A 154 1.67 22.17 18.04
C GLU A 154 1.66 22.11 18.02
N GLN A 155 0.55 22.39 17.35
CA GLN A 155 -0.69 21.62 17.57
C GLN A 155 -0.53 20.19 17.06
N LEU A 156 0.06 20.04 15.89
CA LEU A 156 0.33 18.72 15.33
C LEU A 156 1.33 17.94 16.20
N ARG A 157 2.33 18.65 16.72
N ARG A 157 2.34 18.64 16.71
CA ARG A 157 3.35 17.99 17.53
CA ARG A 157 3.35 17.99 17.53
C ARG A 157 2.72 17.37 18.76
C ARG A 157 2.72 17.37 18.78
N ALA A 158 1.76 18.07 19.36
CA ALA A 158 1.08 17.58 20.55
C ALA A 158 0.35 16.27 20.26
N TYR A 159 -0.31 16.19 19.10
CA TYR A 159 -0.97 14.95 18.69
C TYR A 159 0.06 13.87 18.37
N LEU A 160 1.06 14.20 17.56
CA LEU A 160 2.02 13.20 17.11
C LEU A 160 2.86 12.58 18.23
N GLU A 161 3.21 13.39 19.23
CA GLU A 161 4.07 12.91 20.32
C GLU A 161 3.26 12.38 21.49
N GLY A 162 1.98 12.71 21.52
CA GLY A 162 1.12 12.33 22.63
C GLY A 162 0.01 11.39 22.25
N THR A 163 -1.15 11.94 21.92
CA THR A 163 -2.33 11.16 21.54
C THR A 163 -2.01 10.03 20.58
N CYS A 164 -1.29 10.35 19.51
CA CYS A 164 -0.99 9.36 18.48
C CYS A 164 -0.26 8.15 19.07
N VAL A 165 0.78 8.40 19.85
N VAL A 165 0.79 8.42 19.84
CA VAL A 165 1.55 7.29 20.41
CA VAL A 165 1.59 7.37 20.46
C VAL A 165 0.73 6.53 21.44
C VAL A 165 0.77 6.56 21.46
N GLU A 166 -0.11 7.23 22.20
CA GLU A 166 -0.93 6.55 23.21
C GLU A 166 -1.86 5.54 22.54
N TRP A 167 -2.46 5.95 21.43
CA TRP A 167 -3.37 5.08 20.71
C TRP A 167 -2.60 3.94 20.06
N LEU A 168 -1.44 4.24 19.49
CA LEU A 168 -0.64 3.19 18.86
C LEU A 168 -0.30 2.12 19.91
N ARG A 169 0.13 2.55 21.09
CA ARG A 169 0.46 1.59 22.15
C ARG A 169 -0.75 0.73 22.51
N ARG A 170 -1.92 1.36 22.56
CA ARG A 170 -3.15 0.67 22.89
C ARG A 170 -3.45 -0.41 21.84
N TYR A 171 -3.37 0.00 20.58
CA TYR A 171 -3.62 -0.93 19.47
C TYR A 171 -2.63 -2.09 19.48
N LEU A 172 -1.35 -1.80 19.69
CA LEU A 172 -0.35 -2.87 19.73
C LEU A 172 -0.64 -3.90 20.82
N GLU A 173 -1.05 -3.45 21.99
CA GLU A 173 -1.43 -4.37 23.06
C GLU A 173 -2.67 -5.19 22.69
N ASN A 174 -3.74 -4.50 22.27
CA ASN A 174 -5.00 -5.18 22.03
C ASN A 174 -4.88 -6.15 20.88
N GLY A 175 -4.05 -5.79 19.89
CA GLY A 175 -3.86 -6.66 18.75
C GLY A 175 -2.56 -7.43 18.77
N LYS A 176 -1.98 -7.65 19.95
CA LYS A 176 -0.64 -8.22 20.02
C LYS A 176 -0.50 -9.58 19.34
N GLU A 177 -1.56 -10.37 19.33
CA GLU A 177 -1.47 -11.72 18.80
C GLU A 177 -1.14 -11.71 17.29
N THR A 178 -1.50 -10.63 16.60
CA THR A 178 -1.09 -10.46 15.19
C THR A 178 -0.08 -9.35 14.98
N LEU A 179 -0.33 -8.16 15.53
CA LEU A 179 0.54 -7.01 15.25
C LEU A 179 1.97 -7.19 15.75
N GLN A 180 2.11 -7.91 16.85
N GLN A 180 2.13 -7.94 16.82
CA GLN A 180 3.40 -8.11 17.49
CA GLN A 180 3.45 -8.10 17.41
C GLN A 180 4.01 -9.47 17.12
C GLN A 180 4.02 -9.48 17.11
N ARG A 181 3.35 -10.19 16.21
CA ARG A 181 3.84 -11.49 15.75
C ARG A 181 4.49 -11.29 14.39
N THR A 182 5.69 -11.83 14.19
CA THR A 182 6.26 -11.86 12.85
C THR A 182 5.89 -13.20 12.20
N ASP A 183 5.63 -13.18 10.89
CA ASP A 183 5.43 -14.39 10.12
C ASP A 183 6.65 -14.52 9.20
N ALA A 184 7.53 -15.47 9.50
CA ALA A 184 8.72 -15.67 8.69
C ALA A 184 8.31 -16.19 7.33
N PRO A 185 9.05 -15.81 6.28
CA PRO A 185 8.63 -16.29 4.97
C PRO A 185 8.73 -17.82 4.82
N LYS A 186 7.73 -18.40 4.16
N LYS A 186 7.73 -18.40 4.18
CA LYS A 186 7.81 -19.79 3.74
CA LYS A 186 7.78 -19.79 3.74
C LYS A 186 8.50 -19.79 2.40
C LYS A 186 8.50 -19.79 2.40
N THR A 187 9.67 -20.42 2.33
CA THR A 187 10.47 -20.31 1.13
C THR A 187 10.58 -21.63 0.40
N HIS A 188 10.68 -21.56 -0.92
CA HIS A 188 10.96 -22.73 -1.73
C HIS A 188 11.55 -22.29 -3.06
N MET A 189 12.19 -23.21 -3.77
N MET A 189 12.17 -23.23 -3.77
CA MET A 189 12.72 -22.91 -5.10
CA MET A 189 12.70 -22.92 -5.10
C MET A 189 12.01 -23.76 -6.14
C MET A 189 11.99 -23.77 -6.14
N THR A 190 11.69 -23.16 -7.28
CA THR A 190 11.16 -23.91 -8.42
C THR A 190 12.17 -23.88 -9.57
N HIS A 191 12.00 -24.83 -10.48
CA HIS A 191 12.93 -24.99 -11.58
C HIS A 191 12.12 -25.03 -12.88
N HIS A 192 12.48 -24.19 -13.85
CA HIS A 192 11.76 -24.14 -15.12
C HIS A 192 12.73 -24.18 -16.30
N ALA A 193 12.92 -25.35 -16.89
CA ALA A 193 13.76 -25.47 -18.08
C ALA A 193 13.21 -24.61 -19.21
N VAL A 194 14.08 -23.81 -19.83
CA VAL A 194 13.66 -22.98 -20.95
C VAL A 194 14.22 -23.56 -22.25
N SER A 195 15.00 -24.62 -22.10
CA SER A 195 15.60 -25.34 -23.21
C SER A 195 16.31 -26.54 -22.61
N ASP A 196 17.00 -27.33 -23.44
CA ASP A 196 17.80 -28.45 -22.92
C ASP A 196 19.06 -27.98 -22.20
N HIS A 197 19.37 -26.69 -22.31
CA HIS A 197 20.68 -26.22 -21.87
C HIS A 197 20.63 -25.06 -20.88
N GLU A 198 19.44 -24.50 -20.65
CA GLU A 198 19.26 -23.42 -19.67
C GLU A 198 17.99 -23.67 -18.85
N ALA A 199 17.95 -23.16 -17.62
CA ALA A 199 16.77 -23.29 -16.77
C ALA A 199 16.59 -22.03 -15.95
N THR A 200 15.34 -21.74 -15.57
CA THR A 200 15.07 -20.61 -14.69
C THR A 200 14.94 -21.15 -13.26
N LEU A 201 15.70 -20.58 -12.32
CA LEU A 201 15.50 -20.90 -10.92
C LEU A 201 14.71 -19.76 -10.30
N ARG A 202 13.59 -20.07 -9.63
CA ARG A 202 12.80 -19.03 -9.00
C ARG A 202 12.73 -19.29 -7.51
N CYS A 203 13.16 -18.30 -6.73
CA CYS A 203 13.21 -18.41 -5.28
C CYS A 203 11.97 -17.67 -4.73
N TRP A 204 11.12 -18.40 -4.02
CA TRP A 204 9.84 -17.86 -3.55
C TRP A 204 9.87 -17.57 -2.06
N ALA A 205 9.29 -16.42 -1.69
CA ALA A 205 9.02 -16.11 -0.29
C ALA A 205 7.52 -15.82 -0.15
N LEU A 206 6.84 -16.63 0.66
CA LEU A 206 5.39 -16.53 0.80
C LEU A 206 4.92 -16.38 2.24
N SER A 207 3.74 -15.79 2.40
N SER A 207 3.75 -15.76 2.40
CA SER A 207 3.08 -15.75 3.71
CA SER A 207 3.07 -15.73 3.68
C SER A 207 3.87 -15.03 4.79
C SER A 207 3.88 -15.04 4.77
N PHE A 208 4.59 -13.98 4.41
CA PHE A 208 5.40 -13.26 5.39
C PHE A 208 4.76 -11.95 5.88
N TYR A 209 5.15 -11.56 7.08
CA TYR A 209 4.72 -10.31 7.68
C TYR A 209 5.78 -9.90 8.70
N PRO A 210 6.18 -8.62 8.68
CA PRO A 210 5.70 -7.55 7.80
C PRO A 210 6.29 -7.64 6.39
N ALA A 211 5.98 -6.62 5.58
CA ALA A 211 6.31 -6.66 4.15
C ALA A 211 7.79 -6.56 3.80
N GLU A 212 8.58 -5.89 4.63
CA GLU A 212 10.01 -5.70 4.36
C GLU A 212 10.75 -7.03 4.25
N ILE A 213 11.46 -7.22 3.15
CA ILE A 213 12.18 -8.46 2.90
C ILE A 213 13.26 -8.17 1.87
N THR A 214 14.32 -8.97 1.86
N THR A 214 14.31 -8.96 1.85
CA THR A 214 15.33 -8.87 0.82
CA THR A 214 15.30 -8.87 0.79
C THR A 214 15.62 -10.26 0.28
C THR A 214 15.63 -10.26 0.27
N LEU A 215 15.57 -10.41 -1.05
CA LEU A 215 15.89 -11.66 -1.70
C LEU A 215 17.05 -11.34 -2.64
N THR A 216 18.13 -12.11 -2.55
N THR A 216 18.12 -12.13 -2.53
CA THR A 216 19.27 -11.88 -3.42
CA THR A 216 19.35 -11.91 -3.31
C THR A 216 19.85 -13.20 -3.92
C THR A 216 19.85 -13.22 -3.91
N TRP A 217 20.30 -13.21 -5.16
CA TRP A 217 20.93 -14.39 -5.72
C TRP A 217 22.44 -14.19 -5.72
N GLN A 218 23.17 -15.26 -5.40
CA GLN A 218 24.61 -15.27 -5.54
C GLN A 218 25.02 -16.42 -6.45
N ARG A 219 26.15 -16.23 -7.14
N ARG A 219 26.13 -16.23 -7.17
CA ARG A 219 26.76 -17.30 -7.92
CA ARG A 219 26.73 -17.35 -7.89
C ARG A 219 28.17 -17.53 -7.39
C ARG A 219 28.15 -17.53 -7.36
N ASP A 220 28.43 -18.73 -6.88
CA ASP A 220 29.72 -19.05 -6.30
C ASP A 220 30.16 -18.01 -5.25
N GLY A 221 29.20 -17.60 -4.40
CA GLY A 221 29.52 -16.76 -3.27
C GLY A 221 29.57 -15.25 -3.53
N GLU A 222 29.18 -14.83 -4.73
CA GLU A 222 29.12 -13.40 -5.03
C GLU A 222 27.76 -12.99 -5.56
N ASP A 223 27.34 -11.78 -5.21
CA ASP A 223 26.05 -11.27 -5.66
C ASP A 223 25.98 -11.34 -7.18
N GLN A 224 24.83 -11.77 -7.68
CA GLN A 224 24.57 -11.88 -9.11
C GLN A 224 23.28 -11.16 -9.41
N THR A 225 23.36 -10.14 -10.26
N THR A 225 23.36 -10.15 -10.27
CA THR A 225 22.18 -9.37 -10.63
CA THR A 225 22.18 -9.38 -10.63
C THR A 225 21.86 -9.55 -12.11
C THR A 225 21.86 -9.55 -12.11
N GLN A 226 22.90 -9.81 -12.90
CA GLN A 226 22.70 -10.08 -14.32
C GLN A 226 21.81 -11.31 -14.48
N ASP A 227 20.91 -11.25 -15.46
N ASP A 227 20.90 -11.24 -15.45
CA ASP A 227 20.08 -12.40 -15.76
CA ASP A 227 19.97 -12.33 -15.72
C ASP A 227 19.20 -12.80 -14.59
C ASP A 227 19.17 -12.70 -14.47
N THR A 228 18.99 -11.86 -13.67
N THR A 228 18.83 -11.70 -13.67
CA THR A 228 18.00 -12.00 -12.60
CA THR A 228 18.09 -11.85 -12.41
C THR A 228 16.71 -11.23 -12.89
C THR A 228 16.84 -10.97 -12.34
N GLU A 229 15.66 -11.57 -12.14
CA GLU A 229 14.41 -10.80 -12.17
C GLU A 229 13.79 -10.82 -10.77
N LEU A 230 13.33 -9.67 -10.32
CA LEU A 230 12.77 -9.53 -8.98
C LEU A 230 11.42 -8.87 -9.16
N VAL A 231 10.38 -9.40 -8.53
CA VAL A 231 9.08 -8.73 -8.58
C VAL A 231 8.88 -7.88 -7.35
N GLU A 232 8.01 -6.89 -7.48
CA GLU A 232 7.69 -6.02 -6.35
C GLU A 232 6.90 -6.80 -5.31
N THR A 233 7.19 -6.54 -4.04
CA THR A 233 6.51 -7.23 -2.95
C THR A 233 5.03 -6.97 -3.10
N ARG A 234 4.21 -8.02 -2.94
CA ARG A 234 2.80 -7.93 -3.26
C ARG A 234 1.96 -8.58 -2.16
N PRO A 235 0.75 -8.06 -1.93
CA PRO A 235 -0.11 -8.62 -0.88
C PRO A 235 -0.75 -9.95 -1.28
N ALA A 236 -0.78 -10.92 -0.36
CA ALA A 236 -1.43 -12.20 -0.63
C ALA A 236 -2.96 -12.06 -0.60
N GLY A 237 -3.44 -11.08 0.16
CA GLY A 237 -4.87 -10.88 0.32
C GLY A 237 -5.36 -11.34 1.68
N ASP A 238 -4.52 -12.07 2.41
CA ASP A 238 -4.86 -12.51 3.76
C ASP A 238 -4.05 -11.83 4.85
N GLY A 239 -3.43 -10.69 4.52
CA GLY A 239 -2.67 -9.94 5.50
C GLY A 239 -1.18 -10.17 5.37
N THR A 240 -0.79 -11.21 4.62
CA THR A 240 0.63 -11.48 4.39
C THR A 240 1.06 -10.99 3.02
N PHE A 241 2.35 -11.14 2.77
CA PHE A 241 2.97 -10.67 1.54
C PHE A 241 3.76 -11.78 0.84
N GLN A 242 4.13 -11.52 -0.42
CA GLN A 242 4.82 -12.47 -1.27
C GLN A 242 5.89 -11.75 -2.06
N LYS A 243 6.96 -12.46 -2.41
CA LYS A 243 7.95 -11.94 -3.35
C LYS A 243 8.65 -13.13 -3.98
N TRP A 244 9.20 -12.92 -5.17
CA TRP A 244 10.09 -13.93 -5.73
C TRP A 244 11.22 -13.27 -6.50
N ALA A 245 12.33 -13.99 -6.62
CA ALA A 245 13.48 -13.54 -7.39
C ALA A 245 13.85 -14.70 -8.29
N ALA A 246 14.19 -14.43 -9.56
CA ALA A 246 14.55 -15.54 -10.45
C ALA A 246 15.87 -15.28 -11.17
N VAL A 247 16.56 -16.36 -11.51
CA VAL A 247 17.78 -16.25 -12.33
C VAL A 247 17.76 -17.33 -13.41
N VAL A 248 18.37 -17.05 -14.57
CA VAL A 248 18.50 -18.06 -15.62
C VAL A 248 19.91 -18.59 -15.55
N VAL A 249 20.05 -19.91 -15.61
CA VAL A 249 21.37 -20.53 -15.42
C VAL A 249 21.58 -21.66 -16.42
N PRO A 250 22.85 -22.00 -16.70
CA PRO A 250 23.09 -23.19 -17.54
C PRO A 250 22.67 -24.46 -16.84
N SER A 251 21.94 -25.31 -17.55
CA SER A 251 21.54 -26.59 -17.00
C SER A 251 22.75 -27.41 -16.55
N GLY A 252 22.65 -27.99 -15.36
CA GLY A 252 23.76 -28.73 -14.78
C GLY A 252 24.61 -27.89 -13.85
N GLN A 253 24.42 -26.57 -13.85
CA GLN A 253 25.23 -25.70 -13.00
C GLN A 253 24.40 -25.08 -11.87
N GLU A 254 23.20 -25.60 -11.66
CA GLU A 254 22.29 -25.05 -10.64
C GLU A 254 22.92 -24.94 -9.24
N GLN A 255 23.81 -25.86 -8.91
CA GLN A 255 24.43 -25.89 -7.58
C GLN A 255 25.28 -24.68 -7.26
N ARG A 256 25.71 -23.92 -8.27
CA ARG A 256 26.51 -22.73 -8.03
C ARG A 256 25.69 -21.60 -7.44
N TYR A 257 24.38 -21.68 -7.61
CA TYR A 257 23.50 -20.55 -7.30
C TYR A 257 22.80 -20.69 -5.96
N THR A 258 22.77 -19.62 -5.18
N THR A 258 22.73 -19.60 -5.21
CA THR A 258 22.11 -19.62 -3.89
CA THR A 258 22.11 -19.61 -3.90
C THR A 258 21.19 -18.42 -3.79
C THR A 258 21.20 -18.40 -3.74
N CYS A 259 19.99 -18.64 -3.22
CA CYS A 259 19.06 -17.55 -2.95
C CYS A 259 19.15 -17.23 -1.47
N HIS A 260 19.29 -15.95 -1.14
CA HIS A 260 19.44 -15.54 0.25
C HIS A 260 18.25 -14.70 0.65
N VAL A 261 17.61 -15.07 1.76
CA VAL A 261 16.37 -14.44 2.19
C VAL A 261 16.58 -13.79 3.55
N GLN A 262 16.36 -12.48 3.61
CA GLN A 262 16.47 -11.74 4.86
C GLN A 262 15.11 -11.21 5.27
N HIS A 263 14.69 -11.56 6.48
CA HIS A 263 13.41 -11.09 7.01
C HIS A 263 13.49 -11.07 8.53
N GLU A 264 12.81 -10.11 9.15
CA GLU A 264 12.92 -9.97 10.61
C GLU A 264 12.32 -11.15 11.35
N GLY A 265 11.46 -11.90 10.67
CA GLY A 265 10.91 -13.10 11.27
C GLY A 265 11.93 -14.22 11.37
N LEU A 266 13.07 -14.06 10.70
CA LEU A 266 14.10 -15.09 10.69
C LEU A 266 15.23 -14.73 11.64
N PRO A 267 15.58 -15.66 12.55
CA PRO A 267 16.72 -15.45 13.45
C PRO A 267 17.99 -15.16 12.66
N LYS A 268 18.15 -15.87 11.55
CA LYS A 268 19.27 -15.65 10.64
C LYS A 268 18.81 -15.86 9.20
N PRO A 269 19.40 -15.11 8.26
CA PRO A 269 19.02 -15.21 6.84
C PRO A 269 19.01 -16.65 6.38
N LEU A 270 18.08 -16.99 5.49
CA LEU A 270 18.04 -18.33 4.91
C LEU A 270 18.87 -18.36 3.63
N THR A 271 19.47 -19.51 3.36
CA THR A 271 20.19 -19.73 2.10
C THR A 271 19.57 -20.92 1.41
N LEU A 272 18.98 -20.71 0.24
CA LEU A 272 18.42 -21.82 -0.53
C LEU A 272 19.31 -22.18 -1.72
N ARG A 273 19.42 -23.47 -2.01
CA ARG A 273 20.26 -23.92 -3.12
C ARG A 273 19.56 -25.10 -3.79
N TRP A 274 19.53 -25.10 -5.12
CA TRP A 274 18.95 -26.22 -5.86
C TRP A 274 19.98 -27.34 -5.94
N MET B 1 -0.58 17.76 -12.23
CA MET B 1 -1.18 16.85 -13.20
C MET B 1 -0.26 15.66 -13.51
N ILE B 2 0.18 14.96 -12.47
CA ILE B 2 1.00 13.77 -12.67
C ILE B 2 0.13 12.63 -13.21
N GLN B 3 0.57 12.02 -14.30
CA GLN B 3 -0.02 10.78 -14.77
C GLN B 3 1.03 9.67 -14.72
N ARG B 4 0.73 8.59 -14.01
CA ARG B 4 1.65 7.45 -13.93
C ARG B 4 0.86 6.20 -14.31
N THR B 5 1.44 5.35 -15.15
N THR B 5 1.46 5.34 -15.14
CA THR B 5 0.70 4.18 -15.60
CA THR B 5 0.78 4.14 -15.61
C THR B 5 0.81 3.02 -14.60
C THR B 5 0.82 3.03 -14.56
N PRO B 6 -0.29 2.28 -14.43
CA PRO B 6 -0.29 1.20 -13.42
C PRO B 6 0.66 0.07 -13.75
N LYS B 7 1.36 -0.40 -12.72
CA LYS B 7 2.05 -1.70 -12.74
C LYS B 7 1.01 -2.76 -12.41
N ILE B 8 1.15 -3.97 -12.97
CA ILE B 8 0.16 -5.02 -12.75
C ILE B 8 0.86 -6.33 -12.43
N GLN B 9 0.41 -6.98 -11.37
CA GLN B 9 0.79 -8.38 -11.16
C GLN B 9 -0.46 -9.21 -10.97
N VAL B 10 -0.52 -10.34 -11.66
N VAL B 10 -0.52 -10.36 -11.63
CA VAL B 10 -1.62 -11.29 -11.52
CA VAL B 10 -1.65 -11.26 -11.48
C VAL B 10 -1.05 -12.56 -10.94
C VAL B 10 -1.12 -12.60 -11.00
N TYR B 11 -1.69 -13.10 -9.91
CA TYR B 11 -1.12 -14.23 -9.18
C TYR B 11 -2.12 -14.82 -8.21
N SER B 12 -1.80 -15.98 -7.63
CA SER B 12 -2.71 -16.59 -6.68
C SER B 12 -2.24 -16.38 -5.24
N ARG B 13 -3.19 -16.43 -4.31
CA ARG B 13 -2.87 -16.28 -2.89
C ARG B 13 -2.00 -17.43 -2.39
N HIS B 14 -2.32 -18.64 -2.84
CA HIS B 14 -1.61 -19.84 -2.44
C HIS B 14 -1.02 -20.49 -3.68
N PRO B 15 0.05 -21.30 -3.51
CA PRO B 15 0.60 -22.03 -4.66
C PRO B 15 -0.51 -22.78 -5.37
N ALA B 16 -0.57 -22.65 -6.70
CA ALA B 16 -1.71 -23.15 -7.44
C ALA B 16 -1.64 -24.66 -7.67
N GLU B 17 -2.74 -25.34 -7.38
CA GLU B 17 -2.86 -26.77 -7.69
C GLU B 17 -4.19 -26.98 -8.40
N ASN B 18 -4.15 -27.67 -9.55
CA ASN B 18 -5.39 -27.90 -10.29
C ASN B 18 -6.44 -28.60 -9.44
N GLY B 19 -7.67 -28.11 -9.49
CA GLY B 19 -8.77 -28.68 -8.72
C GLY B 19 -8.91 -28.16 -7.31
N LYS B 20 -7.95 -27.36 -6.85
CA LYS B 20 -7.94 -26.93 -5.45
C LYS B 20 -8.30 -25.45 -5.37
N SER B 21 -9.34 -25.14 -4.61
N SER B 21 -9.37 -25.13 -4.66
CA SER B 21 -9.83 -23.77 -4.45
CA SER B 21 -9.84 -23.74 -4.60
C SER B 21 -8.73 -22.80 -3.97
C SER B 21 -8.75 -22.82 -4.02
N ASN B 22 -8.77 -21.56 -4.46
CA ASN B 22 -7.67 -20.62 -4.22
C ASN B 22 -8.25 -19.22 -4.38
N PHE B 23 -7.40 -18.21 -4.46
CA PHE B 23 -7.87 -16.84 -4.69
C PHE B 23 -7.00 -16.24 -5.76
N LEU B 24 -7.63 -15.59 -6.73
CA LEU B 24 -6.93 -15.00 -7.85
C LEU B 24 -6.79 -13.51 -7.52
N ASN B 25 -5.55 -13.01 -7.59
CA ASN B 25 -5.26 -11.61 -7.24
C ASN B 25 -4.81 -10.83 -8.46
N CYS B 26 -5.25 -9.59 -8.53
CA CYS B 26 -4.65 -8.65 -9.46
C CYS B 26 -4.26 -7.42 -8.66
N TYR B 27 -2.95 -7.20 -8.56
CA TYR B 27 -2.41 -6.10 -7.77
C TYR B 27 -2.01 -5.02 -8.74
N VAL B 28 -2.66 -3.85 -8.62
N VAL B 28 -2.61 -3.85 -8.58
CA VAL B 28 -2.30 -2.70 -9.46
CA VAL B 28 -2.32 -2.71 -9.44
C VAL B 28 -1.69 -1.64 -8.56
C VAL B 28 -1.71 -1.60 -8.59
N SER B 29 -0.56 -1.09 -9.00
CA SER B 29 0.14 -0.11 -8.17
C SER B 29 0.88 0.91 -9.01
N GLY B 30 1.43 1.92 -8.33
CA GLY B 30 2.22 2.93 -9.00
C GLY B 30 1.48 3.85 -9.95
N PHE B 31 0.15 3.96 -9.83
CA PHE B 31 -0.63 4.75 -10.79
C PHE B 31 -1.14 6.09 -10.22
N HIS B 32 -1.44 7.02 -11.11
CA HIS B 32 -2.02 8.32 -10.77
C HIS B 32 -2.62 8.88 -12.06
N PRO B 33 -3.83 9.43 -12.00
CA PRO B 33 -4.69 9.59 -10.83
C PRO B 33 -5.36 8.28 -10.42
N SER B 34 -6.28 8.34 -9.46
CA SER B 34 -6.76 7.12 -8.81
C SER B 34 -7.86 6.37 -9.56
N ASP B 35 -8.57 7.05 -10.46
CA ASP B 35 -9.67 6.42 -11.17
C ASP B 35 -9.09 5.29 -12.01
N ILE B 36 -9.60 4.09 -11.83
CA ILE B 36 -9.05 2.93 -12.51
C ILE B 36 -10.14 1.88 -12.64
N GLU B 37 -10.10 1.10 -13.71
N GLU B 37 -10.12 1.11 -13.73
CA GLU B 37 -11.06 0.02 -13.90
CA GLU B 37 -11.05 0.01 -13.90
C GLU B 37 -10.34 -1.32 -13.90
C GLU B 37 -10.29 -1.30 -13.86
N VAL B 38 -10.74 -2.22 -13.02
CA VAL B 38 -10.07 -3.52 -12.93
C VAL B 38 -11.07 -4.66 -12.95
N ASP B 39 -10.85 -5.63 -13.85
CA ASP B 39 -11.70 -6.82 -13.95
C ASP B 39 -10.84 -8.06 -13.95
N LEU B 40 -11.33 -9.13 -13.32
CA LEU B 40 -10.67 -10.42 -13.44
C LEU B 40 -11.45 -11.22 -14.47
N LEU B 41 -10.73 -11.95 -15.34
CA LEU B 41 -11.38 -12.70 -16.40
C LEU B 41 -11.18 -14.20 -16.26
N LYS B 42 -12.19 -14.97 -16.66
CA LYS B 42 -12.04 -16.41 -16.78
C LYS B 42 -12.40 -16.80 -18.20
N ASN B 43 -11.44 -17.38 -18.92
CA ASN B 43 -11.65 -17.69 -20.33
C ASN B 43 -12.20 -16.50 -21.09
N GLY B 44 -11.58 -15.34 -20.89
CA GLY B 44 -11.92 -14.11 -21.59
C GLY B 44 -13.15 -13.40 -21.06
N GLU B 45 -13.86 -14.03 -20.13
CA GLU B 45 -15.10 -13.47 -19.60
C GLU B 45 -14.91 -12.84 -18.24
N ARG B 46 -15.57 -11.72 -18.02
CA ARG B 46 -15.53 -11.00 -16.75
C ARG B 46 -16.13 -11.79 -15.60
N ILE B 47 -15.37 -11.91 -14.50
CA ILE B 47 -15.87 -12.54 -13.29
C ILE B 47 -16.66 -11.51 -12.49
N GLU B 48 -17.76 -11.92 -11.87
CA GLU B 48 -18.74 -10.96 -11.36
C GLU B 48 -18.62 -10.53 -9.89
N LYS B 49 -18.21 -11.44 -9.02
CA LYS B 49 -18.21 -11.13 -7.58
C LYS B 49 -16.85 -10.68 -7.05
N VAL B 50 -16.15 -9.85 -7.83
CA VAL B 50 -14.78 -9.46 -7.49
C VAL B 50 -14.73 -8.35 -6.44
N GLU B 51 -13.92 -8.58 -5.42
CA GLU B 51 -13.78 -7.60 -4.34
C GLU B 51 -12.47 -6.84 -4.52
N HIS B 52 -12.33 -5.72 -3.80
CA HIS B 52 -11.06 -4.99 -3.87
C HIS B 52 -10.78 -4.31 -2.56
N SER B 53 -9.51 -4.00 -2.34
CA SER B 53 -9.10 -3.33 -1.12
C SER B 53 -9.46 -1.85 -1.16
N ASP B 54 -9.31 -1.19 -0.02
CA ASP B 54 -9.54 0.24 0.04
C ASP B 54 -8.32 0.97 -0.50
N LEU B 55 -8.58 2.00 -1.29
CA LEU B 55 -7.53 2.78 -1.95
C LEU B 55 -6.50 3.32 -0.96
N SER B 56 -5.23 3.02 -1.22
CA SER B 56 -4.15 3.53 -0.41
C SER B 56 -3.02 3.95 -1.33
N PHE B 57 -1.92 4.42 -0.76
CA PHE B 57 -0.86 4.91 -1.61
C PHE B 57 0.50 4.76 -0.97
N SER B 58 1.53 4.83 -1.81
N SER B 58 1.54 4.78 -1.80
CA SER B 58 2.90 4.61 -1.39
CA SER B 58 2.90 4.60 -1.29
C SER B 58 3.59 5.93 -1.08
C SER B 58 3.60 5.94 -1.07
N LYS B 59 4.87 5.85 -0.71
CA LYS B 59 5.66 7.03 -0.37
C LYS B 59 5.70 8.10 -1.46
N ASP B 60 5.73 7.68 -2.73
CA ASP B 60 5.77 8.64 -3.83
C ASP B 60 4.36 9.12 -4.24
N TRP B 61 3.37 8.80 -3.40
CA TRP B 61 1.97 9.18 -3.61
C TRP B 61 1.21 8.36 -4.66
N SER B 62 1.89 7.38 -5.25
N SER B 62 1.88 7.40 -5.29
CA SER B 62 1.25 6.50 -6.23
CA SER B 62 1.20 6.59 -6.30
C SER B 62 0.25 5.59 -5.55
C SER B 62 0.27 5.60 -5.59
N PHE B 63 -0.86 5.31 -6.22
CA PHE B 63 -1.91 4.49 -5.61
C PHE B 63 -1.68 3.01 -5.80
N TYR B 64 -2.24 2.21 -4.90
CA TYR B 64 -2.30 0.76 -5.11
C TYR B 64 -3.65 0.17 -4.69
N LEU B 65 -4.07 -0.89 -5.37
CA LEU B 65 -5.32 -1.61 -5.08
C LEU B 65 -5.09 -3.10 -5.32
N LEU B 66 -5.75 -3.93 -4.52
CA LEU B 66 -5.76 -5.36 -4.80
C LEU B 66 -7.20 -5.77 -5.14
N TYR B 67 -7.38 -6.40 -6.31
CA TYR B 67 -8.65 -6.98 -6.68
C TYR B 67 -8.53 -8.49 -6.56
N TYR B 68 -9.54 -9.14 -6.03
CA TYR B 68 -9.40 -10.58 -5.78
C TYR B 68 -10.73 -11.31 -5.86
N THR B 69 -10.67 -12.58 -6.22
CA THR B 69 -11.87 -13.41 -6.19
C THR B 69 -11.50 -14.85 -5.93
N GLU B 70 -12.46 -15.62 -5.43
N GLU B 70 -12.45 -15.62 -5.43
CA GLU B 70 -12.25 -17.04 -5.24
CA GLU B 70 -12.22 -17.04 -5.24
C GLU B 70 -12.22 -17.71 -6.62
C GLU B 70 -12.20 -17.70 -6.62
N PHE B 71 -11.31 -18.65 -6.80
CA PHE B 71 -11.22 -19.39 -8.06
C PHE B 71 -10.64 -20.78 -7.88
N THR B 72 -10.88 -21.66 -8.85
CA THR B 72 -10.31 -23.00 -8.79
C THR B 72 -9.53 -23.26 -10.08
N PRO B 73 -8.20 -23.14 -10.00
CA PRO B 73 -7.34 -23.33 -11.17
C PRO B 73 -7.62 -24.69 -11.77
N THR B 74 -7.56 -24.79 -13.10
CA THR B 74 -7.66 -26.07 -13.76
C THR B 74 -6.63 -26.12 -14.87
N GLU B 75 -6.52 -27.27 -15.51
CA GLU B 75 -5.51 -27.46 -16.53
C GLU B 75 -5.82 -26.63 -17.78
N LYS B 76 -7.11 -26.49 -18.11
CA LYS B 76 -7.52 -25.83 -19.35
C LYS B 76 -8.02 -24.39 -19.17
N ASP B 77 -8.59 -24.07 -18.03
CA ASP B 77 -9.15 -22.73 -17.81
C ASP B 77 -8.07 -21.65 -17.84
N GLU B 78 -8.40 -20.51 -18.43
CA GLU B 78 -7.46 -19.40 -18.50
C GLU B 78 -7.97 -18.25 -17.65
N TYR B 79 -7.06 -17.58 -16.95
CA TYR B 79 -7.46 -16.43 -16.16
C TYR B 79 -6.62 -15.22 -16.52
N ALA B 80 -7.19 -14.04 -16.34
CA ALA B 80 -6.44 -12.82 -16.61
C ALA B 80 -6.95 -11.65 -15.78
N CYS B 81 -6.20 -10.55 -15.84
CA CYS B 81 -6.60 -9.31 -15.22
C CYS B 81 -6.65 -8.25 -16.32
N ARG B 82 -7.72 -7.47 -16.35
CA ARG B 82 -7.89 -6.43 -17.35
C ARG B 82 -7.93 -5.08 -16.66
N VAL B 83 -7.06 -4.18 -17.08
CA VAL B 83 -6.94 -2.88 -16.42
C VAL B 83 -7.12 -1.75 -17.42
N ASN B 84 -8.00 -0.80 -17.10
CA ASN B 84 -8.05 0.42 -17.89
C ASN B 84 -7.77 1.63 -17.01
N HIS B 85 -7.02 2.58 -17.56
CA HIS B 85 -6.61 3.78 -16.83
C HIS B 85 -6.42 4.89 -17.85
N VAL B 86 -6.48 6.15 -17.41
CA VAL B 86 -6.37 7.25 -18.37
C VAL B 86 -5.05 7.25 -19.12
N THR B 87 -4.02 6.63 -18.51
CA THR B 87 -2.69 6.54 -19.12
C THR B 87 -2.62 5.47 -20.23
N LEU B 88 -3.63 4.63 -20.35
CA LEU B 88 -3.61 3.55 -21.33
C LEU B 88 -4.53 3.85 -22.52
N SER B 89 -4.04 3.59 -23.73
CA SER B 89 -4.83 3.85 -24.94
C SER B 89 -5.99 2.88 -25.05
N GLN B 90 -5.77 1.64 -24.59
CA GLN B 90 -6.86 0.72 -24.34
C GLN B 90 -6.46 -0.18 -23.19
N PRO B 91 -7.42 -0.99 -22.71
CA PRO B 91 -7.19 -1.79 -21.51
C PRO B 91 -5.98 -2.69 -21.70
N LYS B 92 -5.20 -2.88 -20.64
CA LYS B 92 -4.10 -3.82 -20.68
C LYS B 92 -4.57 -5.09 -20.00
N ILE B 93 -4.26 -6.23 -20.61
CA ILE B 93 -4.71 -7.51 -20.07
C ILE B 93 -3.49 -8.39 -19.83
N VAL B 94 -3.34 -8.85 -18.60
CA VAL B 94 -2.22 -9.70 -18.23
C VAL B 94 -2.76 -11.08 -17.89
N LYS B 95 -2.26 -12.10 -18.58
N LYS B 95 -2.24 -12.09 -18.57
CA LYS B 95 -2.71 -13.47 -18.35
CA LYS B 95 -2.69 -13.47 -18.37
C LYS B 95 -2.07 -14.02 -17.08
C LYS B 95 -2.07 -14.02 -17.09
N TRP B 96 -2.84 -14.77 -16.32
CA TRP B 96 -2.32 -15.42 -15.10
C TRP B 96 -1.40 -16.60 -15.44
N ASP B 97 -0.20 -16.58 -14.87
CA ASP B 97 0.76 -17.66 -15.02
C ASP B 97 1.07 -18.18 -13.62
N ARG B 98 0.78 -19.45 -13.36
CA ARG B 98 0.88 -19.99 -12.02
C ARG B 98 2.31 -20.02 -11.51
N ASP B 99 3.27 -19.83 -12.42
CA ASP B 99 4.67 -19.88 -12.01
C ASP B 99 5.26 -18.50 -11.72
N MET B 100 4.40 -17.50 -11.65
CA MET B 100 4.86 -16.12 -11.44
C MET B 100 3.99 -15.31 -10.47
N ALA C 1 -6.09 6.37 16.49
CA ALA C 1 -7.21 7.30 16.43
C ALA C 1 -6.82 8.57 15.68
N LEU C 2 -7.78 9.12 14.92
CA LEU C 2 -7.54 10.33 14.13
C LEU C 2 -7.25 11.54 14.98
N GLN C 3 -6.52 12.50 14.41
CA GLN C 3 -6.35 13.77 15.10
C GLN C 3 -7.71 14.46 15.20
N ASP C 4 -7.94 15.17 16.30
CA ASP C 4 -9.20 15.87 16.47
C ASP C 4 -8.96 17.35 16.24
N ALA C 5 -8.80 17.73 14.98
CA ALA C 5 -8.48 19.11 14.62
C ALA C 5 -9.65 20.05 14.87
N LYS C 11 -7.57 25.44 16.41
CA LYS C 11 -8.61 25.11 15.45
C LYS C 11 -8.08 24.34 14.24
N GLU C 12 -9.00 23.94 13.36
CA GLU C 12 -8.65 23.28 12.10
C GLU C 12 -7.69 24.15 11.30
N TYR C 13 -6.83 23.49 10.50
CA TYR C 13 -5.88 24.21 9.66
C TYR C 13 -6.17 23.84 8.22
N PHE C 14 -6.10 24.83 7.34
CA PHE C 14 -6.47 24.64 5.94
C PHE C 14 -5.33 25.01 5.00
N ILE C 15 -5.23 24.29 3.89
CA ILE C 15 -4.26 24.64 2.85
C ILE C 15 -4.42 26.11 2.44
CL CL D . -4.68 -15.11 13.75
C1 PEG E . 1.16 0.67 4.60
O1 PEG E . 1.81 0.99 5.79
C2 PEG E . 1.62 -0.67 4.15
O2 PEG E . 0.93 -1.08 3.03
C3 PEG E . 0.75 -2.44 2.84
C4 PEG E . -0.05 -2.73 1.62
O4 PEG E . -0.75 -3.91 1.81
H11 PEG E . 1.36 1.34 3.92
H12 PEG E . 0.20 0.65 4.76
HO1 PEG E . 2.31 1.71 5.66
H21 PEG E . 1.47 -1.31 4.86
H22 PEG E . 2.57 -0.64 3.95
H31 PEG E . 1.62 -2.87 2.76
H32 PEG E . 0.28 -2.80 3.61
H41 PEG E . 0.55 -2.82 0.85
H42 PEG E . -0.67 -2.00 1.46
HO4 PEG E . -1.43 -3.94 1.23
C1 PEG F . -5.21 4.57 25.30
O1 PEG F . -4.76 5.17 26.47
C2 PEG F . -6.13 5.53 24.60
O2 PEG F . -5.55 6.77 24.50
C3 PEG F . -6.37 7.85 24.75
C4 PEG F . -5.62 9.14 24.86
O4 PEG F . -6.54 10.15 25.07
H11 PEG F . -5.69 3.75 25.52
H12 PEG F . -4.46 4.37 24.73
HO1 PEG F . -4.90 4.61 27.15
H21 PEG F . -6.95 5.60 25.11
H22 PEG F . -6.33 5.18 23.71
H31 PEG F . -6.84 7.69 25.59
H32 PEG F . -7.02 7.92 24.04
H41 PEG F . -5.00 9.10 25.60
H42 PEG F . -5.14 9.31 24.03
HO4 PEG F . -6.30 10.88 24.62
C1 PEG G . 15.59 -25.39 -0.81
O1 PEG G . 16.92 -25.71 -0.96
C2 PEG G . 14.88 -25.73 -2.08
O2 PEG G . 13.49 -25.69 -2.01
C3 PEG G . 12.90 -26.70 -2.74
C4 PEG G . 11.42 -26.58 -2.84
O4 PEG G . 11.01 -27.28 -3.96
H11 PEG G . 15.22 -25.92 -0.08
H12 PEG G . 15.48 -24.44 -0.62
HO1 PEG G . 17.31 -25.73 -0.17
H21 PEG G . 15.17 -25.11 -2.78
H22 PEG G . 15.14 -26.63 -2.34
H31 PEG G . 13.26 -26.67 -3.64
H32 PEG G . 13.12 -27.56 -2.34
H41 PEG G . 11.18 -25.64 -2.93
H42 PEG G . 11.01 -26.94 -2.03
HO4 PEG G . 10.42 -26.80 -4.40
CL CL H . 13.14 16.88 7.40
CL CL I . 13.83 0.82 17.62
MG MG J . -12.86 -0.95 -10.80
CL CL K . -8.18 -6.57 1.45
MG MG L . -6.03 15.19 19.05
#